data_3BXU
#
_entry.id   3BXU
#
_cell.length_a   34.200
_cell.length_b   47.500
_cell.length_c   88.900
_cell.angle_alpha   90.00
_cell.angle_beta   90.00
_cell.angle_gamma   90.00
#
_symmetry.space_group_name_H-M   'P 21 21 21'
#
loop_
_entity.id
_entity.type
_entity.pdbx_description
1 polymer 'Cytochrome c3'
2 non-polymer 'SULFATE ION'
3 non-polymer 'PROTOPORPHYRIN IX CONTAINING FE'
4 water water
#
_entity_poly.entity_id   1
_entity_poly.type   'polypeptide(L)'
_entity_poly.pdbx_seq_one_letter_code
;ADTMTFTAKNGNVTFDHKKHQTIVPDCAVCHGKTPGKIEGFGKEMAHGKSCKGCHEEMKKGPTKCGECHKK
;
_entity_poly.pdbx_strand_id   A,B
#
loop_
_chem_comp.id
_chem_comp.type
_chem_comp.name
_chem_comp.formula
HEM non-polymer 'PROTOPORPHYRIN IX CONTAINING FE' 'C34 H32 Fe N4 O4'
SO4 non-polymer 'SULFATE ION' 'O4 S -2'
#
# COMPACT_ATOMS: atom_id res chain seq x y z
N ALA A 1 4.71 11.74 -2.32
CA ALA A 1 4.15 10.43 -2.80
C ALA A 1 5.21 9.33 -2.83
N ASP A 2 4.89 8.18 -3.42
CA ASP A 2 5.88 7.29 -4.01
C ASP A 2 5.48 5.79 -4.22
N THR A 3 4.89 5.05 -3.27
CA THR A 3 4.36 3.70 -3.62
C THR A 3 3.05 3.28 -2.95
N MET A 4 2.36 2.31 -3.54
CA MET A 4 1.22 1.64 -2.90
C MET A 4 1.67 0.31 -2.35
N THR A 5 1.04 -0.06 -1.24
CA THR A 5 1.27 -1.34 -0.61
C THR A 5 -0.03 -2.11 -0.59
N PHE A 6 0.02 -3.30 -1.15
CA PHE A 6 -1.09 -4.23 -1.13
C PHE A 6 -0.74 -5.30 -0.13
N THR A 7 -1.39 -5.30 1.03
CA THR A 7 -1.08 -6.28 2.05
C THR A 7 -1.55 -7.67 1.65
N ALA A 8 -0.71 -8.65 1.94
CA ALA A 8 -0.97 -10.04 1.59
C ALA A 8 -0.27 -10.93 2.61
N LYS A 9 -0.92 -12.01 2.99
CA LYS A 9 -0.40 -12.88 4.05
C LYS A 9 0.94 -13.50 3.68
N ASN A 10 1.12 -13.75 2.39
CA ASN A 10 2.35 -14.34 1.86
C ASN A 10 3.42 -13.32 1.44
N GLY A 11 3.27 -12.08 1.85
CA GLY A 11 4.23 -11.03 1.52
C GLY A 11 3.52 -9.90 0.80
N ASN A 12 3.66 -8.70 1.35
CA ASN A 12 3.04 -7.51 0.78
C ASN A 12 3.62 -7.24 -0.60
N VAL A 13 2.81 -6.61 -1.44
CA VAL A 13 3.20 -6.25 -2.78
C VAL A 13 3.36 -4.74 -2.85
N THR A 14 4.54 -4.29 -3.26
CA THR A 14 4.80 -2.87 -3.48
C THR A 14 4.62 -2.54 -4.94
N PHE A 15 3.86 -1.49 -5.22
CA PHE A 15 3.44 -1.17 -6.58
C PHE A 15 3.71 0.30 -6.82
N ASP A 16 4.54 0.60 -7.81
CA ASP A 16 4.83 1.96 -8.21
C ASP A 16 3.75 2.41 -9.19
N HIS A 17 2.71 3.01 -8.63
CA HIS A 17 1.57 3.47 -9.41
C HIS A 17 2.00 4.56 -10.36
N LYS A 18 2.82 5.52 -9.90
CA LYS A 18 3.22 6.59 -10.80
C LYS A 18 4.00 6.08 -12.00
N LYS A 19 4.90 5.14 -11.75
CA LYS A 19 5.67 4.56 -12.84
C LYS A 19 4.74 3.88 -13.83
N HIS A 20 3.74 3.16 -13.34
CA HIS A 20 2.81 2.49 -14.23
C HIS A 20 1.95 3.48 -15.01
N GLN A 21 1.59 4.60 -14.38
CA GLN A 21 0.83 5.66 -15.06
C GLN A 21 1.62 6.20 -16.23
N THR A 22 2.93 6.24 -16.09
CA THR A 22 3.83 6.79 -17.09
C THR A 22 3.97 5.86 -18.28
N ILE A 23 4.14 4.56 -18.01
CA ILE A 23 4.49 3.61 -19.07
C ILE A 23 3.28 2.93 -19.69
N VAL A 24 2.20 2.79 -18.92
CA VAL A 24 1.03 2.10 -19.42
C VAL A 24 0.19 3.15 -20.10
N PRO A 25 -0.31 2.82 -21.31
CA PRO A 25 -0.83 3.81 -22.27
C PRO A 25 -1.97 4.72 -21.81
N ASP A 26 -2.85 4.25 -20.94
CA ASP A 26 -4.09 4.97 -20.63
C ASP A 26 -4.58 4.50 -19.25
N CYS A 27 -5.15 5.39 -18.40
CA CYS A 27 -5.65 4.96 -17.09
C CYS A 27 -6.66 3.83 -17.20
N ALA A 28 -7.42 3.84 -18.31
CA ALA A 28 -8.49 2.87 -18.56
C ALA A 28 -8.00 1.42 -18.60
N VAL A 29 -6.72 1.24 -18.89
CA VAL A 29 -6.14 -0.10 -18.89
C VAL A 29 -6.44 -0.80 -17.57
N CYS A 30 -6.31 -0.06 -16.47
CA CYS A 30 -6.53 -0.63 -15.15
C CYS A 30 -7.80 -0.16 -14.49
N HIS A 31 -8.35 0.98 -14.93
CA HIS A 31 -9.46 1.63 -14.25
C HIS A 31 -10.78 1.66 -15.00
N GLY A 32 -10.78 1.26 -16.27
CA GLY A 32 -11.99 1.41 -17.06
C GLY A 32 -12.27 2.87 -17.32
N LYS A 33 -13.56 3.22 -17.39
CA LYS A 33 -13.99 4.52 -17.90
C LYS A 33 -13.37 5.72 -17.19
N THR A 34 -13.30 5.67 -15.87
CA THR A 34 -12.79 6.78 -15.07
C THR A 34 -11.86 6.25 -13.99
N PRO A 35 -10.77 6.96 -13.71
CA PRO A 35 -9.91 6.53 -12.60
C PRO A 35 -10.65 6.75 -11.29
N GLY A 36 -10.53 5.77 -10.42
CA GLY A 36 -11.28 5.71 -9.17
C GLY A 36 -10.95 4.37 -8.57
N LYS A 37 -11.61 4.04 -7.48
CA LYS A 37 -11.33 2.80 -6.81
C LYS A 37 -11.69 1.65 -7.73
N ILE A 38 -10.80 0.67 -7.79
CA ILE A 38 -11.00 -0.49 -8.66
C ILE A 38 -11.78 -1.51 -7.88
N GLU A 39 -13.08 -1.54 -8.17
CA GLU A 39 -14.00 -2.44 -7.53
C GLU A 39 -13.52 -3.90 -7.66
N GLY A 40 -13.46 -4.60 -6.52
CA GLY A 40 -13.09 -6.00 -6.49
C GLY A 40 -11.60 -6.27 -6.44
N PHE A 41 -10.76 -5.24 -6.49
CA PHE A 41 -9.34 -5.49 -6.60
C PHE A 41 -8.85 -6.36 -5.45
N GLY A 42 -8.00 -7.32 -5.78
CA GLY A 42 -7.57 -8.33 -4.86
C GLY A 42 -6.88 -9.44 -5.60
N LYS A 43 -6.78 -10.62 -4.99
CA LYS A 43 -6.03 -11.75 -5.52
C LYS A 43 -6.41 -12.12 -6.95
N GLU A 44 -7.69 -12.36 -7.19
CA GLU A 44 -8.12 -12.84 -8.50
C GLU A 44 -7.78 -11.85 -9.61
N MET A 45 -8.07 -10.57 -9.38
CA MET A 45 -7.81 -9.55 -10.40
C MET A 45 -6.31 -9.39 -10.60
N ALA A 46 -5.56 -9.35 -9.51
CA ALA A 46 -4.12 -9.18 -9.57
C ALA A 46 -3.43 -10.32 -10.29
N HIS A 47 -3.89 -11.54 -10.06
CA HIS A 47 -3.28 -12.69 -10.73
C HIS A 47 -3.78 -12.84 -12.17
N GLY A 48 -4.89 -12.18 -12.48
CA GLY A 48 -5.42 -12.09 -13.82
C GLY A 48 -4.97 -10.82 -14.54
N LYS A 49 -5.90 -10.23 -15.27
CA LYS A 49 -5.60 -9.16 -16.21
C LYS A 49 -5.15 -7.86 -15.56
N SER A 50 -5.47 -7.65 -14.29
CA SER A 50 -5.09 -6.42 -13.62
C SER A 50 -3.61 -6.27 -13.32
N CYS A 51 -2.87 -7.36 -13.11
CA CYS A 51 -1.43 -7.24 -12.87
C CYS A 51 -0.64 -8.29 -13.65
N LYS A 52 -0.63 -9.52 -13.15
CA LYS A 52 0.21 -10.58 -13.69
C LYS A 52 -0.04 -10.81 -15.18
N GLY A 53 -1.29 -10.74 -15.60
CA GLY A 53 -1.64 -10.99 -16.99
C GLY A 53 -0.95 -10.04 -17.94
N CYS A 54 -0.87 -8.77 -17.60
CA CYS A 54 -0.15 -7.84 -18.45
C CYS A 54 1.33 -8.21 -18.55
N HIS A 55 1.94 -8.48 -17.41
CA HIS A 55 3.36 -8.80 -17.36
C HIS A 55 3.66 -10.05 -18.19
N GLU A 56 2.78 -11.05 -18.11
CA GLU A 56 2.95 -12.26 -18.89
C GLU A 56 2.73 -11.99 -20.38
N GLU A 57 1.65 -11.30 -20.74
CA GLU A 57 1.30 -11.10 -22.15
C GLU A 57 2.34 -10.24 -22.87
N MET A 58 2.83 -9.22 -22.17
CA MET A 58 3.76 -8.24 -22.76
C MET A 58 5.22 -8.58 -22.52
N LYS A 59 5.48 -9.69 -21.84
CA LYS A 59 6.82 -10.21 -21.61
C LYS A 59 7.74 -9.21 -20.89
N LYS A 60 7.16 -8.45 -19.97
CA LYS A 60 7.87 -7.44 -19.20
C LYS A 60 7.17 -7.26 -17.86
N GLY A 61 7.94 -7.33 -16.78
CA GLY A 61 7.41 -7.23 -15.44
C GLY A 61 7.31 -8.58 -14.74
N PRO A 62 7.03 -8.55 -13.45
CA PRO A 62 7.05 -9.76 -12.62
C PRO A 62 5.89 -10.75 -12.88
N THR A 63 6.25 -12.01 -13.06
CA THR A 63 5.29 -13.09 -13.17
C THR A 63 5.46 -14.18 -12.13
N LYS A 64 6.57 -14.17 -11.41
CA LYS A 64 6.85 -15.18 -10.39
C LYS A 64 6.45 -14.65 -9.02
N CYS A 65 6.00 -15.54 -8.14
CA CYS A 65 5.37 -15.12 -6.88
C CYS A 65 6.24 -14.14 -6.11
N GLY A 66 7.49 -14.52 -5.89
CA GLY A 66 8.41 -13.73 -5.10
C GLY A 66 8.85 -12.42 -5.72
N GLU A 67 8.63 -12.25 -7.01
CA GLU A 67 8.87 -10.97 -7.66
C GLU A 67 7.87 -9.88 -7.23
N CYS A 68 6.66 -10.30 -6.83
CA CYS A 68 5.65 -9.39 -6.31
C CYS A 68 5.55 -9.45 -4.80
N HIS A 69 5.42 -10.66 -4.25
CA HIS A 69 5.20 -10.87 -2.81
C HIS A 69 6.53 -10.92 -2.09
N LYS A 70 6.74 -9.96 -1.21
CA LYS A 70 8.00 -9.86 -0.47
C LYS A 70 7.75 -9.89 1.03
N LYS A 71 8.38 -10.85 1.70
CA LYS A 71 8.32 -10.92 3.16
C LYS A 71 9.44 -10.09 3.79
N ALA B 1 7.74 11.76 -2.01
CA ALA B 1 9.12 11.38 -1.59
C ALA B 1 9.20 9.96 -1.01
N ASP B 2 8.64 9.77 0.18
CA ASP B 2 8.51 8.45 0.76
C ASP B 2 7.16 8.34 1.44
N THR B 3 6.12 8.32 0.62
CA THR B 3 4.75 8.17 1.08
C THR B 3 4.26 6.81 0.60
N MET B 4 3.66 6.07 1.50
CA MET B 4 3.10 4.76 1.24
C MET B 4 1.58 4.85 1.29
N THR B 5 0.90 4.34 0.27
CA THR B 5 -0.54 4.31 0.26
C THR B 5 -0.99 2.89 0.46
N PHE B 6 -1.71 2.66 1.54
CA PHE B 6 -2.25 1.34 1.85
C PHE B 6 -3.67 1.29 1.32
N THR B 7 -3.95 0.32 0.45
CA THR B 7 -5.28 0.16 -0.07
C THR B 7 -6.24 -0.33 0.99
N ALA B 8 -7.47 0.16 0.90
CA ALA B 8 -8.54 -0.28 1.78
C ALA B 8 -9.84 -0.01 1.05
N LYS B 9 -10.75 -0.97 1.12
CA LYS B 9 -12.00 -0.91 0.38
C LYS B 9 -12.84 0.28 0.81
N ASN B 10 -12.66 0.72 2.05
CA ASN B 10 -13.44 1.85 2.60
C ASN B 10 -12.71 3.19 2.45
N GLY B 11 -11.63 3.20 1.68
CA GLY B 11 -10.89 4.41 1.39
C GLY B 11 -9.41 4.20 1.71
N ASN B 12 -8.55 4.47 0.74
CA ASN B 12 -7.11 4.27 0.91
C ASN B 12 -6.55 5.20 1.99
N VAL B 13 -5.44 4.77 2.54
CA VAL B 13 -4.82 5.47 3.66
C VAL B 13 -3.41 5.86 3.27
N THR B 14 -3.09 7.13 3.32
CA THR B 14 -1.78 7.62 2.91
C THR B 14 -0.92 7.85 4.14
N PHE B 15 0.30 7.31 4.10
CA PHE B 15 1.23 7.33 5.21
C PHE B 15 2.54 7.95 4.74
N ASP B 16 2.86 9.12 5.27
CA ASP B 16 4.11 9.78 4.93
C ASP B 16 5.19 9.24 5.87
N HIS B 17 5.92 8.25 5.38
CA HIS B 17 6.99 7.59 6.15
C HIS B 17 8.07 8.58 6.53
N LYS B 18 8.52 9.36 5.55
CA LYS B 18 9.57 10.35 5.79
C LYS B 18 9.16 11.32 6.89
N LYS B 19 7.95 11.87 6.80
CA LYS B 19 7.50 12.79 7.84
C LYS B 19 7.46 12.12 9.23
N HIS B 20 6.94 10.90 9.28
CA HIS B 20 6.91 10.16 10.53
C HIS B 20 8.30 9.90 11.09
N GLN B 21 9.29 9.67 10.24
CA GLN B 21 10.67 9.50 10.71
C GLN B 21 11.23 10.77 11.31
N THR B 22 10.75 11.91 10.83
CA THR B 22 11.28 13.19 11.24
C THR B 22 10.77 13.50 12.65
N ILE B 23 9.57 13.02 12.97
CA ILE B 23 8.90 13.34 14.24
C ILE B 23 8.84 12.22 15.28
N VAL B 24 9.04 10.97 14.85
CA VAL B 24 9.24 9.82 15.74
C VAL B 24 10.65 9.32 15.47
N PRO B 25 11.68 9.94 16.07
CA PRO B 25 13.07 9.71 15.67
C PRO B 25 13.77 8.44 16.18
C PRO B 25 13.71 8.50 16.39
N ASP B 26 13.01 7.38 16.42
CA ASP B 26 13.59 6.11 16.81
C ASP B 26 12.81 5.07 16.02
N CYS B 27 13.47 4.48 15.02
CA CYS B 27 12.87 3.45 14.19
C CYS B 27 12.23 2.35 15.00
N ALA B 28 12.81 2.03 16.16
CA ALA B 28 12.36 0.91 16.96
C ALA B 28 10.92 1.06 17.45
N VAL B 29 10.45 2.29 17.54
CA VAL B 29 9.07 2.50 17.96
C VAL B 29 8.09 1.75 17.06
N CYS B 30 8.36 1.75 15.76
CA CYS B 30 7.52 1.09 14.77
C CYS B 30 8.05 -0.24 14.27
N HIS B 31 9.36 -0.43 14.35
CA HIS B 31 10.03 -1.55 13.71
C HIS B 31 10.72 -2.51 14.67
N GLY B 32 10.77 -2.19 15.96
CA GLY B 32 11.69 -2.92 16.82
C GLY B 32 13.12 -2.85 16.27
N LYS B 33 13.85 -3.95 16.37
CA LYS B 33 15.27 -3.98 15.97
C LYS B 33 15.54 -4.08 14.49
N THR B 34 14.51 -4.30 13.68
CA THR B 34 14.74 -4.44 12.23
C THR B 34 13.82 -3.57 11.39
N PRO B 35 14.30 -2.36 11.09
CA PRO B 35 13.61 -1.53 10.11
C PRO B 35 13.47 -2.31 8.81
N GLY B 36 12.26 -2.28 8.26
CA GLY B 36 11.92 -3.07 7.09
C GLY B 36 10.44 -3.38 7.12
N LYS B 37 10.03 -4.46 6.50
CA LYS B 37 8.63 -4.86 6.55
C LYS B 37 8.25 -5.13 8.00
N ILE B 38 6.99 -4.85 8.31
CA ILE B 38 6.45 -5.07 9.63
C ILE B 38 5.59 -6.31 9.52
N GLU B 39 6.05 -7.42 10.09
CA GLU B 39 5.36 -8.70 9.97
C GLU B 39 3.92 -8.55 10.49
N GLY B 40 2.96 -8.98 9.67
CA GLY B 40 1.56 -9.02 10.06
C GLY B 40 0.81 -7.73 9.76
N PHE B 41 1.48 -6.72 9.22
CA PHE B 41 0.84 -5.43 9.06
C PHE B 41 -0.42 -5.57 8.22
N GLY B 42 -1.45 -4.85 8.63
CA GLY B 42 -2.77 -4.94 8.06
C GLY B 42 -3.73 -4.21 8.98
N LYS B 43 -5.01 -4.49 8.83
CA LYS B 43 -6.07 -3.80 9.55
C LYS B 43 -5.86 -3.81 11.05
N GLU B 44 -5.61 -4.98 11.64
CA GLU B 44 -5.57 -5.08 13.09
C GLU B 44 -4.41 -4.25 13.65
N MET B 45 -3.24 -4.38 13.05
CA MET B 45 -2.08 -3.62 13.52
C MET B 45 -2.29 -2.13 13.30
N ALA B 46 -2.83 -1.75 12.15
CA ALA B 46 -3.06 -0.34 11.86
C ALA B 46 -4.05 0.26 12.85
N HIS B 47 -5.09 -0.48 13.21
CA HIS B 47 -6.07 0.04 14.16
C HIS B 47 -5.57 -0.03 15.59
N GLY B 48 -4.55 -0.84 15.82
CA GLY B 48 -3.88 -0.93 17.10
C GLY B 48 -2.60 -0.08 17.13
N LYS B 49 -1.53 -0.66 17.67
CA LYS B 49 -0.34 0.12 18.00
C LYS B 49 0.41 0.65 16.79
N SER B 50 0.23 0.03 15.62
CA SER B 50 1.07 0.42 14.51
C SER B 50 0.66 1.74 13.88
N CYS B 51 -0.59 2.16 14.07
CA CYS B 51 -1.03 3.47 13.58
C CYS B 51 -1.92 4.21 14.58
N LYS B 52 -3.17 3.79 14.67
CA LYS B 52 -4.18 4.54 15.39
C LYS B 52 -3.84 4.69 16.86
N GLY B 53 -3.26 3.65 17.45
CA GLY B 53 -2.97 3.67 18.88
C GLY B 53 -1.97 4.73 19.27
N CYS B 54 -0.97 4.98 18.43
CA CYS B 54 -0.06 6.07 18.70
C CYS B 54 -0.75 7.42 18.61
N HIS B 55 -1.56 7.62 17.58
CA HIS B 55 -2.28 8.88 17.44
C HIS B 55 -3.17 9.14 18.64
N GLU B 56 -3.83 8.10 19.13
CA GLU B 56 -4.70 8.22 20.31
C GLU B 56 -3.86 8.57 21.54
N GLU B 57 -2.75 7.86 21.73
CA GLU B 57 -1.94 8.07 22.96
C GLU B 57 -1.32 9.48 22.96
N MET B 58 -0.81 9.91 21.79
CA MET B 58 -0.12 11.20 21.68
C MET B 58 -1.08 12.38 21.47
N LYS B 59 -2.38 12.10 21.27
CA LYS B 59 -3.37 13.14 20.96
C LYS B 59 -2.96 14.01 19.75
N LYS B 60 -2.33 13.36 18.77
CA LYS B 60 -1.88 14.00 17.55
C LYS B 60 -2.03 12.98 16.45
N GLY B 61 -2.56 13.40 15.31
CA GLY B 61 -2.73 12.52 14.18
C GLY B 61 -4.12 11.92 14.16
N PRO B 62 -4.45 11.27 13.06
CA PRO B 62 -5.82 10.77 12.83
C PRO B 62 -6.25 9.63 13.75
N THR B 63 -7.43 9.79 14.36
CA THR B 63 -8.01 8.74 15.18
C THR B 63 -9.41 8.31 14.78
N LYS B 64 -10.08 9.08 13.92
CA LYS B 64 -11.42 8.77 13.45
C LYS B 64 -11.31 8.18 12.07
N CYS B 65 -12.25 7.31 11.72
CA CYS B 65 -12.13 6.51 10.50
C CYS B 65 -11.82 7.35 9.29
N GLY B 66 -12.61 8.40 9.11
CA GLY B 66 -12.50 9.25 7.94
C GLY B 66 -11.25 10.08 7.86
N GLU B 67 -10.53 10.23 8.98
CA GLU B 67 -9.28 10.95 8.96
C GLU B 67 -8.18 10.16 8.27
N CYS B 68 -8.26 8.82 8.34
CA CYS B 68 -7.33 7.96 7.60
C CYS B 68 -7.87 7.50 6.27
N HIS B 69 -9.11 7.01 6.25
CA HIS B 69 -9.69 6.35 5.07
C HIS B 69 -10.31 7.44 4.20
N LYS B 70 -9.68 7.70 3.06
CA LYS B 70 -10.10 8.79 2.17
C LYS B 70 -10.66 8.21 0.88
N LYS B 71 -11.98 8.25 0.73
CA LYS B 71 -12.64 7.77 -0.48
C LYS B 71 -12.40 8.73 -1.61
S SO4 C . -7.05 -10.80 -1.14
O1 SO4 C . -5.68 -10.42 -1.55
O2 SO4 C . -6.98 -12.26 -0.84
O3 SO4 C . -7.50 -10.08 0.08
O4 SO4 C . -8.00 -10.64 -2.27
CHA HEM D . -5.56 3.52 -7.47
CHB HEM D . -5.84 7.22 -10.56
CHC HEM D . -3.45 4.66 -13.88
CHD HEM D . -3.75 0.77 -11.03
C1A HEM D . -5.87 4.72 -8.03
C2A HEM D . -6.62 5.78 -7.41
C3A HEM D . -6.70 6.80 -8.25
C4A HEM D . -5.98 6.42 -9.45
CMA HEM D . -7.42 8.15 -8.03
CAA HEM D . -7.22 5.64 -6.00
CBA HEM D . -8.59 4.99 -6.15
CGA HEM D . -9.21 4.71 -4.80
O1A HEM D . -9.02 3.56 -4.34
O2A HEM D . -9.87 5.61 -4.24
C1B HEM D . -5.21 6.85 -11.73
C2B HEM D . -5.05 7.69 -12.91
C3B HEM D . -4.39 6.97 -13.81
C4B HEM D . -4.12 5.68 -13.25
CMB HEM D . -5.56 9.14 -12.99
CAB HEM D . -3.93 7.39 -15.22
CBB HEM D . -3.16 8.51 -15.29
C1C HEM D . -3.35 3.38 -13.40
C2C HEM D . -2.81 2.26 -14.12
C3C HEM D . -2.89 1.17 -13.34
C4C HEM D . -3.51 1.58 -12.10
CMC HEM D . -2.26 2.38 -15.55
CAC HEM D . -2.47 -0.28 -13.64
CBC HEM D . -1.27 -0.52 -14.25
C1D HEM D . -4.22 1.19 -9.82
C2D HEM D . -4.33 0.32 -8.69
C3D HEM D . -4.88 1.16 -7.59
C4D HEM D . -5.06 2.48 -8.16
CMD HEM D . -3.99 -1.16 -8.61
CAD HEM D . -5.15 0.62 -6.18
CBD HEM D . -6.51 -0.03 -6.05
CGD HEM D . -7.51 1.06 -5.79
O1D HEM D . -8.53 1.10 -6.49
O2D HEM D . -7.24 1.91 -4.91
NA HEM D . -5.50 5.13 -9.28
NB HEM D . -4.62 5.64 -11.98
NC HEM D . -3.76 2.93 -12.17
ND HEM D . -4.65 2.46 -9.48
FE HEM D . -4.61 4.04 -10.73
CHA HEM E . 6.78 -3.60 -13.69
CHB HEM E . 3.62 -4.73 -10.25
CHC HEM E . 0.05 -4.00 -13.37
CHD HEM E . 3.17 -3.39 -16.95
C1A HEM E . 6.24 -3.95 -12.49
C2A HEM E . 6.99 -4.23 -11.29
C3A HEM E . 6.12 -4.55 -10.33
C4A HEM E . 4.80 -4.46 -10.91
CMA HEM E . 6.42 -4.95 -8.88
CAA HEM E . 8.54 -4.18 -11.13
CBA HEM E . 8.98 -2.88 -10.45
CGA HEM E . 8.75 -1.70 -11.35
O1A HEM E . 7.96 -0.79 -10.98
O2A HEM E . 9.37 -1.66 -12.45
C1B HEM E . 2.39 -4.62 -10.82
C2B HEM E . 1.13 -4.76 -10.11
C3B HEM E . 0.15 -4.55 -10.96
C4B HEM E . 0.73 -4.24 -12.24
CMB HEM E . 1.04 -5.08 -8.62
CAB HEM E . -1.37 -4.50 -10.66
CBB HEM E . -1.79 -3.60 -9.71
C1C HEM E . 0.57 -3.85 -14.62
C2C HEM E . -0.18 -3.81 -15.85
C3C HEM E . 0.69 -3.63 -16.85
C4C HEM E . 2.01 -3.58 -16.27
CMC HEM E . -1.71 -3.92 -15.98
CAC HEM E . 0.38 -3.51 -18.37
CBC HEM E . -0.82 -3.07 -18.77
C1D HEM E . 4.42 -3.35 -16.36
C2D HEM E . 5.60 -3.10 -17.12
C3D HEM E . 6.72 -3.17 -16.14
C4D HEM E . 6.11 -3.46 -14.86
CMD HEM E . 5.68 -2.84 -18.63
CAD HEM E . 8.21 -2.98 -16.49
CBD HEM E . 8.78 -1.69 -15.95
CGD HEM E . 10.24 -1.64 -16.34
O1D HEM E . 10.69 -2.49 -17.14
O2D HEM E . 10.95 -0.78 -15.81
NA HEM E . 4.90 -4.11 -12.25
NB HEM E . 2.09 -4.31 -12.14
NC HEM E . 1.91 -3.73 -14.91
ND HEM E . 4.74 -3.55 -15.03
FE HEM E . 3.41 -3.92 -13.58
CHA HEM F . -2.85 -11.77 -3.65
CHB HEM F . -0.22 -15.85 -3.76
CHC HEM F . 1.88 -14.28 -7.84
CHD HEM F . 0.28 -9.85 -6.84
C1A HEM F . -2.34 -13.00 -3.31
C2A HEM F . -2.79 -13.86 -2.25
C3A HEM F . -2.07 -14.98 -2.29
C4A HEM F . -1.15 -14.88 -3.38
CMA HEM F . -2.16 -16.18 -1.33
CAA HEM F . -3.88 -13.50 -1.24
CBA HEM F . -3.21 -12.81 -0.04
CGA HEM F . -4.14 -12.64 1.13
O1A HEM F . -5.38 -12.87 1.02
O2A HEM F . -3.62 -12.28 2.21
C1B HEM F . 0.52 -15.81 -4.92
C2B HEM F . 1.23 -16.91 -5.52
C3B HEM F . 1.81 -16.47 -6.64
C4B HEM F . 1.47 -15.08 -6.80
CMB HEM F . 1.30 -18.34 -4.94
CAB HEM F . 2.64 -17.22 -7.69
CBB HEM F . 2.07 -18.32 -8.23
C1C HEM F . 1.69 -12.92 -7.89
C2C HEM F . 2.33 -12.01 -8.79
C3C HEM F . 1.87 -10.79 -8.50
C4C HEM F . 0.97 -10.89 -7.40
CMC HEM F . 3.35 -12.40 -9.86
CAC HEM F . 2.23 -9.43 -9.13
CBC HEM F . 2.13 -9.22 -10.47
C1D HEM F . -0.75 -10.00 -5.95
C2D HEM F . -1.59 -8.92 -5.51
C3D HEM F . -2.55 -9.52 -4.54
C4D HEM F . -2.22 -10.90 -4.48
CMD HEM F . -1.54 -7.45 -5.88
CAD HEM F . -3.67 -8.78 -3.81
CBD HEM F . -3.27 -8.29 -2.44
CGD HEM F . -4.39 -7.43 -1.94
O1D HEM F . -5.45 -8.00 -1.61
O2D HEM F . -4.23 -6.20 -1.89
NA HEM F . -1.35 -13.68 -4.01
NB HEM F . 0.69 -14.71 -5.73
NC HEM F . 0.87 -12.22 -7.05
ND HEM F . -1.12 -11.17 -5.29
FE HEM F . -0.24 -12.92 -5.53
CHA HEM G . 8.51 0.46 6.08
CHB HEM G . 12.87 1.82 7.55
CHC HEM G . 10.94 4.61 10.99
CHD HEM G . 6.59 2.79 9.92
C1A HEM G . 9.86 0.57 6.17
C2A HEM G . 10.83 -0.06 5.31
C3A HEM G . 12.04 0.30 5.72
C4A HEM G . 11.86 1.21 6.84
CMA HEM G . 13.39 -0.17 5.11
CAA HEM G . 10.49 -1.04 4.16
CBA HEM G . 10.10 -0.37 2.84
CGA HEM G . 9.83 -1.42 1.76
O1A HEM G . 10.51 -1.41 0.69
O2A HEM G . 8.96 -2.32 1.93
C1B HEM G . 12.72 2.68 8.60
C2B HEM G . 13.80 3.32 9.29
C3B HEM G . 13.27 4.10 10.24
C4B HEM G . 11.84 3.95 10.18
CMB HEM G . 15.28 3.14 8.94
CAB HEM G . 13.97 5.02 11.23
CBB HEM G . 14.83 5.94 10.72
C1C HEM G . 9.60 4.34 10.97
C2C HEM G . 8.68 4.86 11.94
C3C HEM G . 7.47 4.34 11.65
C4C HEM G . 7.62 3.48 10.51
CMC HEM G . 9.09 5.81 13.07
CAC HEM G . 6.12 4.55 12.37
CBC HEM G . 5.71 5.83 12.66
C1D HEM G . 6.71 2.02 8.80
C2D HEM G . 5.62 1.30 8.17
C3D HEM G . 6.22 0.61 6.99
C4D HEM G . 7.62 0.96 6.99
CMD HEM G . 4.16 1.27 8.62
CAD HEM G . 5.53 -0.31 6.01
CBD HEM G . 5.73 -1.73 6.57
CGD HEM G . 5.35 -2.82 5.62
O1D HEM G . 5.04 -2.52 4.44
O2D HEM G . 5.37 -4.01 6.03
NA HEM G . 10.52 1.35 7.10
NB HEM G . 11.53 3.10 9.16
NC HEM G . 8.95 3.51 10.10
ND HEM G . 7.89 1.80 8.07
FE HEM G . 9.72 2.45 8.59
CHA HEM H . 0.19 12.20 11.62
CHB HEM H . -1.11 8.15 9.39
CHC HEM H . 1.63 5.64 12.44
CHD HEM H . 2.45 9.61 15.07
C1A HEM H . -0.35 11.34 10.73
C2A HEM H . -1.19 11.71 9.62
C3A HEM H . -1.54 10.58 9.02
C4A HEM H . -0.95 9.46 9.73
CMA HEM H . -2.43 10.40 7.78
CAA HEM H . -1.62 13.14 9.17
CBA HEM H . -0.87 13.50 7.88
CGA HEM H . 0.55 13.89 8.21
O1A HEM H . 1.48 13.21 7.70
O2A HEM H . 0.73 14.86 8.99
C1B HEM H . -0.46 7.14 10.04
C2B HEM H . -0.51 5.78 9.61
C3B HEM H . 0.25 5.05 10.44
C4B HEM H . 0.83 5.98 11.40
CMB HEM H . -1.39 5.30 8.45
CAB HEM H . 0.54 3.54 10.39
CBB HEM H . 1.05 3.08 9.18
C1C HEM H . 2.01 6.47 13.45
C2C HEM H . 2.67 6.04 14.67
C3C HEM H . 2.90 7.14 15.41
C4C HEM H . 2.41 8.29 14.68
CMC HEM H . 2.97 4.56 14.95
CAC HEM H . 3.61 7.31 16.80
CBC HEM H . 4.50 6.37 17.24
C1D HEM H . 1.92 10.67 14.36
C2D HEM H . 2.00 12.04 14.79
C3D HEM H . 1.30 12.83 13.72
C4D HEM H . 0.86 11.88 12.75
CMD HEM H . 2.64 12.59 16.05
CAD HEM H . 1.05 14.34 13.67
CBD HEM H . 1.87 15.02 12.56
CGD HEM H . 1.73 16.52 12.65
O1D HEM H . 0.90 17.03 13.46
O2D HEM H . 2.47 17.20 11.90
NA HEM H . -0.23 9.96 10.80
NB HEM H . 0.40 7.24 11.13
NC HEM H . 1.84 7.84 13.49
ND HEM H . 1.24 10.61 13.15
FE HEM H . 0.83 8.92 12.15
CHA HEM I . -7.89 -1.22 7.21
CHB HEM I . -12.21 0.27 8.69
CHC HEM I . -9.98 3.64 11.39
CHD HEM I . -5.89 2.80 9.01
C1A HEM I . -9.23 -1.13 7.41
C2A HEM I . -10.22 -2.01 6.87
C3A HEM I . -11.41 -1.60 7.28
C4A HEM I . -11.21 -0.45 8.10
CMA HEM I . -12.76 -2.23 6.92
CAA HEM I . -9.92 -3.19 5.95
CBA HEM I . -9.85 -2.67 4.50
CGA HEM I . -9.57 -3.73 3.46
O1A HEM I . -9.12 -4.85 3.82
O2A HEM I . -9.77 -3.46 2.25
C1B HEM I . -11.99 1.28 9.61
C2B HEM I . -12.97 1.89 10.49
C3B HEM I . -12.36 2.81 11.23
C4B HEM I . -10.97 2.85 10.86
CMB HEM I . -14.44 1.49 10.49
CAB HEM I . -12.93 3.69 12.34
CBB HEM I . -13.58 2.99 13.31
C1C HEM I . -8.71 3.75 10.92
C2C HEM I . -7.79 4.82 11.24
C3C HEM I . -6.65 4.59 10.57
C4C HEM I . -6.84 3.39 9.79
CMC HEM I . -8.10 5.99 12.19
CAC HEM I . -5.34 5.42 10.54
CBC HEM I . -4.67 5.68 11.72
C1D HEM I . -6.05 1.62 8.34
C2D HEM I . -5.03 0.98 7.55
C3D HEM I . -5.64 -0.25 7.02
C4D HEM I . -6.99 -0.25 7.51
CMD HEM I . -3.61 1.49 7.29
CAD HEM I . -5.07 -1.24 6.02
CBD HEM I . -3.98 -2.19 6.37
CGD HEM I . -3.75 -2.83 5.01
O1D HEM I . -4.16 -4.00 4.86
O2D HEM I . -3.20 -2.17 4.09
NA HEM I . -9.87 -0.18 8.16
NB HEM I . -10.78 1.89 9.86
NC HEM I . -8.11 2.90 10.02
ND HEM I . -7.21 0.86 8.31
FE HEM I . -8.98 1.38 9.08
#